data_2BJ9
#
_entry.id   2BJ9
#
_cell.length_a   108.536
_cell.length_b   108.536
_cell.length_c   78.818
_cell.angle_alpha   90.00
_cell.angle_beta   90.00
_cell.angle_gamma   120.00
#
_symmetry.space_group_name_H-M   'P 32 2 1'
#
loop_
_entity.id
_entity.type
_entity.pdbx_description
1 polymer 'NICKEL RESPONSIVE REGULATOR'
2 non-polymer 'NICKEL (II) ION'
3 non-polymer 'PHOSPHATE ION'
4 non-polymer 'TETRAETHYLENE GLYCOL'
5 water water
#
_entity_poly.entity_id   1
_entity_poly.type   'polypeptide(L)'
_entity_poly.pdbx_seq_one_letter_code
;MELIRFSISIPSKLLEKFDQIIEEIGYENRSEAIRDLIRDFIIRHEWEVGNEEVAGTITIVYNHDEGDVVKALLDLQHEY
LDEIISSLHVHMDEHNCLEVIVVKGEAKKIKMIADKLLSLKGVKHGKLVMTSTGKELV
;
_entity_poly.pdbx_strand_id   A,B
#
loop_
_chem_comp.id
_chem_comp.type
_chem_comp.name
_chem_comp.formula
NI non-polymer 'NICKEL (II) ION' 'Ni 2'
PG4 non-polymer 'TETRAETHYLENE GLYCOL' 'C8 H18 O5'
PO4 non-polymer 'PHOSPHATE ION' 'O4 P -3'
#
# COMPACT_ATOMS: atom_id res chain seq x y z
N MET A 1 -10.50 -31.60 -10.26
CA MET A 1 -10.73 -30.62 -11.36
C MET A 1 -9.57 -29.64 -11.33
N GLU A 2 -8.99 -29.37 -12.49
CA GLU A 2 -7.84 -28.46 -12.59
C GLU A 2 -8.20 -26.99 -12.53
N LEU A 3 -9.44 -26.67 -12.88
CA LEU A 3 -9.87 -25.28 -12.89
C LEU A 3 -11.23 -25.00 -12.28
N ILE A 4 -11.27 -24.04 -11.38
CA ILE A 4 -12.53 -23.63 -10.78
C ILE A 4 -12.88 -22.30 -11.46
N ARG A 5 -14.07 -22.24 -12.06
CA ARG A 5 -14.54 -21.05 -12.74
C ARG A 5 -15.52 -20.31 -11.85
N PHE A 6 -15.42 -18.98 -11.83
CA PHE A 6 -16.31 -18.18 -11.00
C PHE A 6 -16.45 -16.76 -11.51
N SER A 7 -17.44 -16.05 -10.98
CA SER A 7 -17.67 -14.67 -11.40
C SER A 7 -17.36 -13.68 -10.31
N ILE A 8 -17.04 -12.48 -10.75
CA ILE A 8 -16.75 -11.39 -9.84
C ILE A 8 -17.32 -10.14 -10.52
N SER A 9 -17.74 -9.15 -9.74
CA SER A 9 -18.28 -7.92 -10.29
C SER A 9 -17.35 -6.75 -10.06
N ILE A 10 -17.16 -5.93 -11.08
CA ILE A 10 -16.27 -4.80 -10.98
C ILE A 10 -16.89 -3.57 -11.62
N PRO A 11 -16.58 -2.39 -11.08
CA PRO A 11 -17.15 -1.19 -11.69
C PRO A 11 -16.62 -1.10 -13.13
N SER A 12 -17.52 -0.85 -14.08
CA SER A 12 -17.17 -0.73 -15.50
C SER A 12 -15.85 0.01 -15.73
N LYS A 13 -15.74 1.20 -15.16
CA LYS A 13 -14.53 2.02 -15.30
C LYS A 13 -13.26 1.26 -14.92
N LEU A 14 -13.20 0.77 -13.68
CA LEU A 14 -12.03 0.04 -13.20
C LEU A 14 -11.71 -1.15 -14.10
N LEU A 15 -12.73 -1.74 -14.70
CA LEU A 15 -12.51 -2.87 -15.59
C LEU A 15 -11.94 -2.42 -16.92
N GLU A 16 -12.46 -1.31 -17.45
CA GLU A 16 -11.99 -0.77 -18.73
C GLU A 16 -10.48 -0.62 -18.71
N LYS A 17 -9.98 -0.01 -17.64
CA LYS A 17 -8.55 0.23 -17.47
C LYS A 17 -7.75 -1.05 -17.35
N PHE A 18 -8.22 -1.98 -16.51
CA PHE A 18 -7.53 -3.24 -16.31
C PHE A 18 -7.41 -3.95 -17.64
N ASP A 19 -8.44 -3.83 -18.47
CA ASP A 19 -8.43 -4.47 -19.78
C ASP A 19 -7.42 -3.84 -20.71
N GLN A 20 -7.43 -2.51 -20.80
CA GLN A 20 -6.50 -1.81 -21.66
C GLN A 20 -5.06 -2.23 -21.36
N ILE A 21 -4.76 -2.37 -20.07
CA ILE A 21 -3.41 -2.76 -19.65
C ILE A 21 -3.02 -4.19 -19.99
N ILE A 22 -3.83 -5.17 -19.58
CA ILE A 22 -3.48 -6.55 -19.88
C ILE A 22 -3.42 -6.77 -21.37
N GLU A 23 -3.93 -5.82 -22.14
CA GLU A 23 -3.89 -5.93 -23.60
C GLU A 23 -2.52 -5.48 -24.06
N GLU A 24 -2.06 -4.34 -23.56
CA GLU A 24 -0.74 -3.81 -23.91
C GLU A 24 0.31 -4.88 -23.58
N ILE A 25 0.18 -5.45 -22.39
CA ILE A 25 1.10 -6.47 -21.90
C ILE A 25 1.16 -7.73 -22.75
N GLY A 26 0.05 -8.10 -23.39
CA GLY A 26 0.06 -9.28 -24.23
C GLY A 26 -0.60 -10.51 -23.64
N TYR A 27 -1.47 -10.32 -22.66
CA TYR A 27 -2.18 -11.44 -22.05
C TYR A 27 -3.26 -11.82 -23.06
N GLU A 28 -3.61 -13.09 -23.12
CA GLU A 28 -4.64 -13.51 -24.06
C GLU A 28 -6.02 -13.30 -23.44
N ASN A 29 -6.12 -13.47 -22.13
CA ASN A 29 -7.38 -13.31 -21.44
C ASN A 29 -7.22 -12.87 -19.98
N ARG A 30 -8.31 -12.38 -19.39
CA ARG A 30 -8.29 -11.91 -18.00
C ARG A 30 -7.92 -12.97 -16.97
N SER A 31 -8.16 -14.24 -17.27
CA SER A 31 -7.86 -15.27 -16.31
C SER A 31 -6.36 -15.45 -16.06
N GLU A 32 -5.57 -15.30 -17.12
CA GLU A 32 -4.13 -15.44 -16.98
C GLU A 32 -3.62 -14.36 -16.04
N ALA A 33 -4.04 -13.13 -16.31
CA ALA A 33 -3.65 -11.97 -15.52
C ALA A 33 -4.02 -12.11 -14.05
N ILE A 34 -5.32 -12.23 -13.78
CA ILE A 34 -5.78 -12.36 -12.41
C ILE A 34 -5.08 -13.54 -11.73
N ARG A 35 -4.84 -14.60 -12.48
CA ARG A 35 -4.15 -15.76 -11.94
C ARG A 35 -2.81 -15.32 -11.37
N ASP A 36 -2.05 -14.58 -12.16
CA ASP A 36 -0.75 -14.12 -11.72
C ASP A 36 -0.87 -13.21 -10.50
N LEU A 37 -1.79 -12.24 -10.53
CA LEU A 37 -1.97 -11.34 -9.41
C LEU A 37 -2.15 -12.15 -8.13
N ILE A 38 -2.95 -13.21 -8.22
CA ILE A 38 -3.22 -14.06 -7.08
C ILE A 38 -1.96 -14.83 -6.68
N ARG A 39 -1.21 -15.28 -7.67
CA ARG A 39 0.01 -16.02 -7.38
C ARG A 39 0.96 -15.12 -6.57
N ASP A 40 1.23 -13.93 -7.10
CA ASP A 40 2.11 -12.98 -6.43
C ASP A 40 1.61 -12.62 -5.03
N PHE A 41 0.30 -12.54 -4.85
CA PHE A 41 -0.30 -12.23 -3.56
C PHE A 41 0.00 -13.32 -2.57
N ILE A 42 -0.34 -14.55 -2.94
CA ILE A 42 -0.11 -15.71 -2.09
C ILE A 42 1.33 -15.79 -1.62
N ILE A 43 2.27 -15.41 -2.47
CA ILE A 43 3.68 -15.45 -2.11
C ILE A 43 4.04 -14.41 -1.06
N ARG A 44 3.73 -13.16 -1.33
CA ARG A 44 4.04 -12.09 -0.41
C ARG A 44 3.37 -12.28 0.95
N HIS A 45 2.27 -13.02 0.99
CA HIS A 45 1.58 -13.22 2.26
C HIS A 45 1.84 -14.59 2.87
N GLU A 46 3.07 -15.05 2.74
CA GLU A 46 3.50 -16.31 3.30
C GLU A 46 4.88 -16.15 3.92
N TRP A 47 5.56 -15.06 3.58
CA TRP A 47 6.87 -14.76 4.13
C TRP A 47 6.68 -14.51 5.62
N GLU A 48 6.21 -15.54 6.31
CA GLU A 48 5.93 -15.48 7.75
C GLU A 48 7.04 -14.87 8.58
N VAL A 49 6.66 -13.89 9.40
CA VAL A 49 7.59 -13.20 10.28
C VAL A 49 7.36 -13.64 11.71
N GLY A 50 8.45 -13.78 12.47
CA GLY A 50 8.35 -14.23 13.84
C GLY A 50 7.57 -13.34 14.79
N ASN A 51 8.16 -13.05 15.93
CA ASN A 51 7.51 -12.22 16.93
C ASN A 51 8.50 -11.18 17.46
N GLU A 52 9.39 -10.72 16.58
CA GLU A 52 10.40 -9.72 16.95
C GLU A 52 9.71 -8.42 17.34
N GLU A 53 10.51 -7.37 17.52
CA GLU A 53 9.96 -6.07 17.89
C GLU A 53 10.25 -5.12 16.72
N VAL A 54 9.21 -4.62 16.07
CA VAL A 54 9.40 -3.74 14.92
C VAL A 54 8.69 -2.41 14.98
N ALA A 55 9.09 -1.54 14.06
CA ALA A 55 8.52 -0.21 13.90
C ALA A 55 8.09 -0.13 12.44
N GLY A 56 6.83 0.18 12.19
CA GLY A 56 6.39 0.25 10.81
C GLY A 56 5.51 1.42 10.43
N THR A 57 5.09 1.40 9.17
CA THR A 57 4.22 2.43 8.64
C THR A 57 3.23 1.74 7.72
N ILE A 58 1.95 2.03 7.92
CA ILE A 58 0.91 1.44 7.09
C ILE A 58 0.34 2.59 6.27
N THR A 59 0.66 2.62 4.98
CA THR A 59 0.18 3.68 4.10
C THR A 59 -1.12 3.23 3.46
N ILE A 60 -2.20 4.01 3.59
CA ILE A 60 -3.47 3.64 2.98
C ILE A 60 -4.11 4.77 2.19
N VAL A 61 -4.94 4.41 1.21
CA VAL A 61 -5.63 5.38 0.38
C VAL A 61 -7.09 4.97 0.32
N TYR A 62 -7.99 5.90 0.63
CA TYR A 62 -9.41 5.55 0.64
C TYR A 62 -10.35 6.71 0.34
N ASN A 63 -11.60 6.36 0.08
CA ASN A 63 -12.65 7.32 -0.21
C ASN A 63 -13.38 7.49 1.12
N HIS A 64 -13.21 8.63 1.77
CA HIS A 64 -13.85 8.82 3.07
C HIS A 64 -15.36 8.85 2.97
N ASP A 65 -15.88 9.05 1.77
CA ASP A 65 -17.32 9.08 1.59
C ASP A 65 -17.90 7.74 1.23
N GLU A 66 -17.05 6.72 1.10
CA GLU A 66 -17.55 5.40 0.76
C GLU A 66 -17.91 4.58 1.98
N GLY A 67 -19.00 3.83 1.88
CA GLY A 67 -19.44 3.00 2.97
C GLY A 67 -19.19 3.70 4.29
N ASP A 68 -18.67 2.96 5.26
CA ASP A 68 -18.38 3.54 6.56
C ASP A 68 -16.94 3.29 6.93
N VAL A 69 -16.08 3.25 5.92
CA VAL A 69 -14.65 3.00 6.13
C VAL A 69 -14.04 3.96 7.14
N VAL A 70 -14.45 5.22 7.11
CA VAL A 70 -13.89 6.20 8.04
C VAL A 70 -14.00 5.76 9.49
N LYS A 71 -15.19 5.30 9.89
CA LYS A 71 -15.37 4.85 11.28
C LYS A 71 -14.74 3.46 11.50
N ALA A 72 -14.89 2.55 10.55
CA ALA A 72 -14.30 1.23 10.69
C ALA A 72 -12.80 1.37 10.95
N LEU A 73 -12.18 2.35 10.32
CA LEU A 73 -10.75 2.59 10.47
C LEU A 73 -10.43 3.13 11.86
N LEU A 74 -11.26 4.06 12.33
CA LEU A 74 -11.04 4.63 13.65
C LEU A 74 -11.29 3.61 14.73
N ASP A 75 -12.45 2.96 14.69
CA ASP A 75 -12.78 1.96 15.70
C ASP A 75 -11.69 0.89 15.73
N LEU A 76 -11.28 0.44 14.55
CA LEU A 76 -10.24 -0.60 14.45
C LEU A 76 -8.89 -0.14 14.97
N GLN A 77 -8.57 1.15 14.81
CA GLN A 77 -7.28 1.67 15.28
C GLN A 77 -7.27 1.87 16.78
N HIS A 78 -8.41 2.25 17.34
CA HIS A 78 -8.51 2.48 18.78
C HIS A 78 -8.49 1.18 19.56
N GLU A 79 -8.57 0.06 18.85
CA GLU A 79 -8.52 -1.23 19.50
C GLU A 79 -7.06 -1.48 19.86
N TYR A 80 -6.16 -0.89 19.09
CA TYR A 80 -4.74 -1.08 19.32
C TYR A 80 -3.98 0.23 19.63
N LEU A 81 -4.29 0.85 20.75
CA LEU A 81 -3.63 2.10 21.16
C LEU A 81 -2.19 1.86 21.59
N ASP A 82 -1.78 0.60 21.66
CA ASP A 82 -0.43 0.25 22.08
C ASP A 82 0.55 0.14 20.92
N GLU A 83 0.07 -0.34 19.78
CA GLU A 83 0.94 -0.50 18.63
C GLU A 83 0.88 0.69 17.70
N ILE A 84 -0.24 1.41 17.75
CA ILE A 84 -0.41 2.58 16.89
C ILE A 84 0.00 3.88 17.59
N ILE A 85 1.09 4.47 17.12
CA ILE A 85 1.63 5.71 17.67
C ILE A 85 0.91 6.96 17.20
N SER A 86 0.94 7.19 15.88
CA SER A 86 0.29 8.35 15.28
C SER A 86 -0.09 8.05 13.85
N SER A 87 -0.77 8.99 13.21
CA SER A 87 -1.16 8.84 11.82
C SER A 87 -1.21 10.19 11.12
N LEU A 88 -0.58 10.26 9.95
CA LEU A 88 -0.55 11.47 9.13
C LEU A 88 -1.60 11.32 8.04
N HIS A 89 -2.49 12.30 7.92
CA HIS A 89 -3.54 12.24 6.93
C HIS A 89 -3.45 13.43 5.99
N VAL A 90 -3.50 13.14 4.69
CA VAL A 90 -3.43 14.16 3.63
C VAL A 90 -4.66 14.06 2.73
N HIS A 91 -5.47 15.11 2.68
CA HIS A 91 -6.67 15.10 1.84
C HIS A 91 -6.28 15.24 0.38
N MET A 92 -6.38 14.15 -0.38
CA MET A 92 -6.01 14.14 -1.80
C MET A 92 -6.97 14.89 -2.73
N ASP A 93 -8.26 14.81 -2.47
CA ASP A 93 -9.26 15.51 -3.28
C ASP A 93 -10.63 15.48 -2.61
N GLU A 94 -11.67 15.83 -3.36
CA GLU A 94 -13.00 15.86 -2.77
C GLU A 94 -13.35 14.60 -1.98
N HIS A 95 -13.01 13.43 -2.50
CA HIS A 95 -13.36 12.17 -1.82
C HIS A 95 -12.21 11.37 -1.23
N ASN A 96 -11.08 11.35 -1.94
CA ASN A 96 -9.95 10.55 -1.51
C ASN A 96 -8.99 11.13 -0.47
N CYS A 97 -8.57 10.25 0.44
CA CYS A 97 -7.63 10.61 1.50
C CYS A 97 -6.45 9.65 1.44
N LEU A 98 -5.31 10.08 1.94
CA LEU A 98 -4.13 9.23 2.00
C LEU A 98 -3.71 9.33 3.45
N GLU A 99 -3.54 8.18 4.09
CA GLU A 99 -3.19 8.16 5.49
C GLU A 99 -1.98 7.26 5.71
N VAL A 100 -1.05 7.72 6.55
CA VAL A 100 0.12 6.92 6.89
C VAL A 100 0.02 6.73 8.38
N ILE A 101 0.15 5.48 8.82
CA ILE A 101 0.03 5.18 10.24
C ILE A 101 1.34 4.60 10.74
N VAL A 102 1.93 5.21 11.76
CA VAL A 102 3.18 4.72 12.31
C VAL A 102 2.90 3.77 13.46
N VAL A 103 3.55 2.61 13.44
CA VAL A 103 3.33 1.59 14.46
C VAL A 103 4.59 0.96 15.02
N LYS A 104 4.47 0.36 16.19
CA LYS A 104 5.59 -0.35 16.83
C LYS A 104 4.98 -1.48 17.65
N GLY A 105 5.59 -2.65 17.57
CA GLY A 105 5.08 -3.80 18.31
C GLY A 105 5.67 -5.12 17.81
N GLU A 106 5.02 -6.22 18.18
CA GLU A 106 5.50 -7.53 17.75
C GLU A 106 5.26 -7.68 16.26
N ALA A 107 6.33 -7.79 15.48
CA ALA A 107 6.22 -7.94 14.03
C ALA A 107 5.02 -8.78 13.60
N LYS A 108 4.69 -9.81 14.38
CA LYS A 108 3.56 -10.66 14.04
C LYS A 108 2.22 -9.95 14.26
N LYS A 109 2.10 -9.24 15.38
CA LYS A 109 0.87 -8.51 15.69
C LYS A 109 0.67 -7.32 14.76
N ILE A 110 1.77 -6.70 14.35
CA ILE A 110 1.71 -5.54 13.45
C ILE A 110 1.18 -5.95 12.09
N LYS A 111 1.66 -7.08 11.58
CA LYS A 111 1.22 -7.60 10.29
C LYS A 111 -0.27 -7.90 10.34
N MET A 112 -0.75 -8.33 11.51
CA MET A 112 -2.16 -8.66 11.68
C MET A 112 -3.02 -7.43 11.58
N ILE A 113 -2.54 -6.33 12.16
CA ILE A 113 -3.26 -5.07 12.13
C ILE A 113 -3.28 -4.52 10.71
N ALA A 114 -2.11 -4.45 10.08
CA ALA A 114 -2.00 -3.94 8.71
C ALA A 114 -2.98 -4.64 7.79
N ASP A 115 -3.08 -5.95 7.92
CA ASP A 115 -3.98 -6.71 7.07
C ASP A 115 -5.45 -6.42 7.39
N LYS A 116 -5.77 -6.28 8.68
CA LYS A 116 -7.13 -5.97 9.04
C LYS A 116 -7.49 -4.61 8.47
N LEU A 117 -6.50 -3.76 8.29
CA LEU A 117 -6.73 -2.42 7.75
C LEU A 117 -6.93 -2.49 6.23
N LEU A 118 -5.88 -2.85 5.51
CA LEU A 118 -5.94 -2.94 4.05
C LEU A 118 -7.13 -3.73 3.51
N SER A 119 -7.69 -4.62 4.32
CA SER A 119 -8.80 -5.44 3.87
C SER A 119 -10.17 -4.80 4.03
N LEU A 120 -10.28 -3.80 4.89
CA LEU A 120 -11.56 -3.12 5.09
C LEU A 120 -12.10 -2.62 3.75
N LYS A 121 -13.42 -2.69 3.58
CA LYS A 121 -14.04 -2.21 2.36
C LYS A 121 -13.99 -0.70 2.42
N GLY A 122 -13.48 -0.08 1.35
CA GLY A 122 -13.37 1.36 1.32
C GLY A 122 -11.93 1.79 1.20
N VAL A 123 -11.02 0.88 1.53
CA VAL A 123 -9.60 1.13 1.44
C VAL A 123 -9.14 0.66 0.07
N LYS A 124 -8.96 1.61 -0.83
CA LYS A 124 -8.56 1.36 -2.21
C LYS A 124 -7.18 0.74 -2.41
N HIS A 125 -6.21 1.14 -1.60
CA HIS A 125 -4.86 0.61 -1.76
C HIS A 125 -4.02 0.91 -0.52
N GLY A 126 -2.88 0.24 -0.41
CA GLY A 126 -2.01 0.46 0.74
C GLY A 126 -0.90 -0.57 0.85
N LYS A 127 0.09 -0.28 1.67
CA LYS A 127 1.22 -1.19 1.89
C LYS A 127 1.76 -1.06 3.30
N LEU A 128 2.31 -2.15 3.82
CA LEU A 128 2.90 -2.12 5.15
C LEU A 128 4.42 -2.09 4.97
N VAL A 129 5.11 -1.52 5.94
CA VAL A 129 6.57 -1.43 5.91
C VAL A 129 7.08 -1.63 7.32
N MET A 130 7.75 -2.75 7.56
CA MET A 130 8.29 -3.07 8.88
C MET A 130 9.80 -2.96 8.82
N THR A 131 10.40 -2.66 9.96
CA THR A 131 11.85 -2.55 10.01
C THR A 131 12.29 -2.63 11.46
N SER A 132 13.34 -3.41 11.71
CA SER A 132 13.86 -3.54 13.06
C SER A 132 14.90 -2.43 13.20
N THR A 133 14.55 -1.38 13.95
CA THR A 133 15.42 -0.23 14.16
C THR A 133 16.89 -0.56 14.47
N GLY A 134 17.70 0.39 14.49
N MET B 1 -22.83 5.11 -12.54
CA MET B 1 -22.29 3.80 -12.08
C MET B 1 -22.81 2.62 -12.91
N GLU B 2 -21.92 1.68 -13.19
CA GLU B 2 -22.28 0.48 -13.96
C GLU B 2 -21.38 -0.67 -13.55
N LEU B 3 -21.96 -1.74 -13.00
CA LEU B 3 -21.18 -2.90 -12.59
C LEU B 3 -21.17 -3.92 -13.70
N ILE B 4 -19.99 -4.42 -14.02
CA ILE B 4 -19.84 -5.44 -15.04
C ILE B 4 -19.46 -6.73 -14.33
N ARG B 5 -20.14 -7.81 -14.69
CA ARG B 5 -19.88 -9.09 -14.08
C ARG B 5 -19.22 -9.99 -15.12
N PHE B 6 -18.07 -10.53 -14.79
CA PHE B 6 -17.38 -11.41 -15.73
C PHE B 6 -16.84 -12.64 -15.02
N SER B 7 -16.65 -13.71 -15.78
CA SER B 7 -16.15 -14.95 -15.20
C SER B 7 -14.71 -15.23 -15.53
N ILE B 8 -14.03 -15.92 -14.63
CA ILE B 8 -12.62 -16.24 -14.81
C ILE B 8 -12.35 -17.68 -14.35
N SER B 9 -11.34 -18.31 -14.93
CA SER B 9 -11.00 -19.67 -14.55
C SER B 9 -9.62 -19.68 -13.94
N ILE B 10 -9.57 -20.01 -12.65
CA ILE B 10 -8.33 -20.05 -11.89
C ILE B 10 -7.96 -21.48 -11.47
N PRO B 11 -6.65 -21.79 -11.40
CA PRO B 11 -6.21 -23.12 -11.00
C PRO B 11 -6.74 -23.45 -9.60
N SER B 12 -7.56 -24.49 -9.49
CA SER B 12 -8.18 -24.88 -8.23
C SER B 12 -7.30 -24.89 -6.98
N LYS B 13 -6.07 -25.36 -7.09
CA LYS B 13 -5.22 -25.38 -5.91
C LYS B 13 -4.73 -23.99 -5.57
N LEU B 14 -4.54 -23.18 -6.59
CA LEU B 14 -4.10 -21.80 -6.41
C LEU B 14 -5.25 -21.06 -5.72
N LEU B 15 -6.46 -21.26 -6.23
CA LEU B 15 -7.61 -20.60 -5.65
C LEU B 15 -7.83 -21.06 -4.22
N GLU B 16 -7.75 -22.36 -3.97
CA GLU B 16 -7.95 -22.88 -2.62
C GLU B 16 -6.98 -22.24 -1.66
N LYS B 17 -5.75 -22.00 -2.11
CA LYS B 17 -4.75 -21.37 -1.28
C LYS B 17 -5.08 -19.89 -1.06
N PHE B 18 -5.53 -19.23 -2.13
CA PHE B 18 -5.92 -17.82 -2.07
C PHE B 18 -7.01 -17.66 -1.03
N ASP B 19 -8.12 -18.37 -1.22
CA ASP B 19 -9.21 -18.31 -0.27
C ASP B 19 -8.72 -18.54 1.16
N GLN B 20 -7.92 -19.57 1.35
CA GLN B 20 -7.39 -19.89 2.67
C GLN B 20 -6.75 -18.66 3.29
N ILE B 21 -5.90 -17.98 2.52
CA ILE B 21 -5.20 -16.79 2.99
C ILE B 21 -6.07 -15.57 3.26
N ILE B 22 -6.92 -15.18 2.31
CA ILE B 22 -7.75 -13.99 2.54
C ILE B 22 -8.60 -14.14 3.80
N GLU B 23 -8.82 -15.36 4.25
CA GLU B 23 -9.61 -15.59 5.46
C GLU B 23 -8.72 -15.24 6.65
N GLU B 24 -7.49 -15.77 6.63
CA GLU B 24 -6.54 -15.51 7.69
C GLU B 24 -6.39 -14.00 7.85
N ILE B 25 -6.08 -13.33 6.75
CA ILE B 25 -5.92 -11.87 6.72
C ILE B 25 -7.14 -11.16 7.28
N GLY B 26 -8.30 -11.45 6.70
CA GLY B 26 -9.52 -10.82 7.18
C GLY B 26 -10.45 -10.31 6.10
N TYR B 27 -10.20 -10.63 4.84
CA TYR B 27 -11.10 -10.16 3.79
C TYR B 27 -12.41 -10.87 4.01
N GLU B 28 -13.51 -10.17 3.76
CA GLU B 28 -14.83 -10.75 3.94
C GLU B 28 -15.18 -11.60 2.73
N ASN B 29 -14.77 -11.15 1.56
CA ASN B 29 -15.04 -11.90 0.35
C ASN B 29 -13.86 -11.93 -0.60
N ARG B 30 -13.91 -12.87 -1.53
CA ARG B 30 -12.87 -13.03 -2.52
C ARG B 30 -12.95 -11.91 -3.54
N SER B 31 -14.17 -11.47 -3.86
CA SER B 31 -14.32 -10.40 -4.82
C SER B 31 -13.53 -9.18 -4.37
N GLU B 32 -13.76 -8.74 -3.15
CA GLU B 32 -13.04 -7.60 -2.62
C GLU B 32 -11.55 -7.78 -2.82
N ALA B 33 -11.02 -8.90 -2.36
CA ALA B 33 -9.59 -9.15 -2.49
C ALA B 33 -9.12 -9.04 -3.93
N ILE B 34 -9.88 -9.62 -4.86
CA ILE B 34 -9.49 -9.57 -6.26
C ILE B 34 -9.57 -8.15 -6.81
N ARG B 35 -10.55 -7.38 -6.37
CA ARG B 35 -10.65 -5.99 -6.82
C ARG B 35 -9.40 -5.24 -6.32
N ASP B 36 -9.03 -5.45 -5.07
CA ASP B 36 -7.84 -4.83 -4.53
C ASP B 36 -6.61 -5.19 -5.37
N LEU B 37 -6.49 -6.47 -5.75
CA LEU B 37 -5.37 -6.91 -6.57
C LEU B 37 -5.36 -6.11 -7.86
N ILE B 38 -6.49 -6.07 -8.55
CA ILE B 38 -6.60 -5.33 -9.79
C ILE B 38 -6.27 -3.86 -9.55
N ARG B 39 -6.87 -3.27 -8.51
CA ARG B 39 -6.58 -1.87 -8.20
C ARG B 39 -5.07 -1.68 -8.03
N ASP B 40 -4.44 -2.56 -7.26
CA ASP B 40 -3.01 -2.47 -7.05
C ASP B 40 -2.26 -2.60 -8.37
N PHE B 41 -2.71 -3.53 -9.20
CA PHE B 41 -2.11 -3.79 -10.51
C PHE B 41 -2.14 -2.54 -11.37
N ILE B 42 -3.28 -1.88 -11.38
CA ILE B 42 -3.46 -0.65 -12.15
C ILE B 42 -2.55 0.44 -11.60
N ILE B 43 -2.45 0.50 -10.27
CA ILE B 43 -1.61 1.50 -9.62
C ILE B 43 -0.12 1.32 -9.91
N ARG B 44 0.36 0.08 -9.91
CA ARG B 44 1.77 -0.15 -10.23
C ARG B 44 2.02 0.34 -11.66
N HIS B 45 1.11 0.01 -12.56
CA HIS B 45 1.25 0.40 -13.95
C HIS B 45 1.29 1.91 -14.05
N GLU B 46 0.45 2.55 -13.24
CA GLU B 46 0.34 4.00 -13.21
C GLU B 46 1.72 4.61 -12.98
N TRP B 47 2.57 3.87 -12.29
CA TRP B 47 3.90 4.34 -12.02
C TRP B 47 4.86 4.06 -13.17
N GLU B 48 4.56 3.02 -13.96
CA GLU B 48 5.41 2.66 -15.09
C GLU B 48 5.30 3.61 -16.27
N VAL B 49 4.24 4.40 -16.31
CA VAL B 49 4.10 5.36 -17.40
C VAL B 49 4.50 6.74 -16.88
N GLY B 50 5.77 6.82 -16.46
CA GLY B 50 6.41 8.02 -15.92
C GLY B 50 5.76 9.38 -15.79
N ASN B 51 4.69 9.65 -16.51
CA ASN B 51 4.00 10.95 -16.44
C ASN B 51 2.53 10.86 -16.07
N GLU B 52 2.21 11.24 -14.84
CA GLU B 52 0.85 11.25 -14.30
C GLU B 52 0.98 11.28 -12.79
N GLU B 53 0.28 12.22 -12.18
CA GLU B 53 0.33 12.43 -10.74
C GLU B 53 0.08 11.16 -9.94
N VAL B 54 1.03 10.83 -9.07
CA VAL B 54 0.91 9.68 -8.19
C VAL B 54 1.29 10.12 -6.78
N ALA B 55 1.07 9.25 -5.80
CA ALA B 55 1.42 9.56 -4.41
C ALA B 55 2.23 8.40 -3.86
N GLY B 56 3.11 8.69 -2.91
CA GLY B 56 3.91 7.63 -2.32
C GLY B 56 4.38 8.00 -0.93
N THR B 57 5.02 7.08 -0.24
CA THR B 57 5.51 7.38 1.10
C THR B 57 6.84 6.69 1.39
N ILE B 58 7.87 7.51 1.49
CA ILE B 58 9.24 7.08 1.77
C ILE B 58 9.42 6.96 3.28
N THR B 59 9.59 5.73 3.76
CA THR B 59 9.78 5.49 5.18
C THR B 59 11.25 5.25 5.44
N ILE B 60 11.83 5.97 6.39
CA ILE B 60 13.24 5.80 6.70
C ILE B 60 13.51 5.78 8.18
N VAL B 61 14.61 5.11 8.55
CA VAL B 61 15.04 5.02 9.93
C VAL B 61 16.51 5.40 9.97
N TYR B 62 16.89 6.22 10.94
CA TYR B 62 18.27 6.65 11.05
C TYR B 62 18.62 7.13 12.46
N ASN B 63 19.91 7.37 12.68
CA ASN B 63 20.41 7.87 13.95
C ASN B 63 20.73 9.33 13.66
N HIS B 64 20.12 10.26 14.38
CA HIS B 64 20.38 11.67 14.10
C HIS B 64 21.76 12.14 14.52
N ASP B 65 22.31 11.51 15.56
CA ASP B 65 23.64 11.89 16.05
C ASP B 65 24.78 11.34 15.21
N GLU B 66 24.42 10.69 14.10
CA GLU B 66 25.43 10.12 13.22
C GLU B 66 25.67 11.11 12.09
N GLY B 67 26.83 11.00 11.45
CA GLY B 67 27.20 11.89 10.36
C GLY B 67 26.46 13.22 10.28
N ASP B 68 26.08 13.59 9.08
CA ASP B 68 25.36 14.85 8.83
C ASP B 68 23.92 14.58 8.38
N VAL B 69 23.58 13.29 8.25
CA VAL B 69 22.25 12.86 7.83
C VAL B 69 21.10 13.82 8.15
N VAL B 70 20.97 14.21 9.40
CA VAL B 70 19.89 15.12 9.81
C VAL B 70 19.74 16.30 8.89
N LYS B 71 20.86 16.95 8.57
CA LYS B 71 20.86 18.12 7.70
C LYS B 71 20.76 17.66 6.24
N ALA B 72 21.59 16.69 5.88
CA ALA B 72 21.58 16.16 4.52
C ALA B 72 20.15 15.87 4.08
N LEU B 73 19.38 15.21 4.93
CA LEU B 73 18.00 14.89 4.62
C LEU B 73 17.17 16.14 4.37
N LEU B 74 17.21 17.11 5.26
CA LEU B 74 16.42 18.33 5.08
C LEU B 74 16.74 19.03 3.77
N ASP B 75 18.02 19.29 3.51
CA ASP B 75 18.43 19.94 2.28
C ASP B 75 17.80 19.21 1.10
N LEU B 76 18.03 17.90 1.03
CA LEU B 76 17.45 17.08 -0.04
C LEU B 76 15.96 17.32 -0.13
N GLN B 77 15.28 17.15 1.00
CA GLN B 77 13.83 17.34 1.04
C GLN B 77 13.41 18.74 0.63
N HIS B 78 14.12 19.76 1.11
CA HIS B 78 13.77 21.14 0.76
C HIS B 78 14.07 21.45 -0.69
N GLU B 79 14.78 20.54 -1.36
CA GLU B 79 15.11 20.73 -2.76
C GLU B 79 13.90 20.30 -3.60
N TYR B 80 12.94 19.64 -2.94
CA TYR B 80 11.74 19.17 -3.62
C TYR B 80 10.45 19.61 -2.94
N LEU B 81 10.29 20.92 -2.77
CA LEU B 81 9.10 21.47 -2.11
C LEU B 81 7.77 21.19 -2.79
N ASP B 82 7.79 21.05 -4.10
CA ASP B 82 6.56 20.81 -4.85
C ASP B 82 6.09 19.37 -4.80
N GLU B 83 7.00 18.43 -4.53
CA GLU B 83 6.65 17.03 -4.48
C GLU B 83 6.35 16.54 -3.06
N ILE B 84 7.11 17.03 -2.09
CA ILE B 84 6.92 16.63 -0.70
C ILE B 84 5.78 17.41 -0.05
N ILE B 85 4.85 16.70 0.57
CA ILE B 85 3.71 17.33 1.21
C ILE B 85 4.02 17.67 2.65
N SER B 86 4.47 16.66 3.39
CA SER B 86 4.84 16.81 4.79
C SER B 86 5.33 15.46 5.28
N SER B 87 6.14 15.47 6.33
CA SER B 87 6.64 14.21 6.87
C SER B 87 6.26 14.07 8.32
N LEU B 88 6.16 12.84 8.79
CA LEU B 88 5.83 12.55 10.17
C LEU B 88 7.10 11.97 10.79
N HIS B 89 7.37 12.32 12.04
CA HIS B 89 8.59 11.85 12.71
C HIS B 89 8.30 11.31 14.10
N VAL B 90 8.89 10.16 14.40
CA VAL B 90 8.74 9.50 15.70
C VAL B 90 10.12 9.22 16.25
N HIS B 91 10.34 9.55 17.51
CA HIS B 91 11.65 9.30 18.14
C HIS B 91 11.59 7.91 18.76
N MET B 92 12.29 6.97 18.11
CA MET B 92 12.31 5.58 18.56
C MET B 92 12.97 5.41 19.92
N ASP B 93 14.12 6.04 20.09
CA ASP B 93 14.83 5.96 21.35
C ASP B 93 15.76 7.15 21.48
N GLU B 94 16.80 7.00 22.28
CA GLU B 94 17.74 8.08 22.49
C GLU B 94 18.52 8.47 21.23
N HIS B 95 18.66 7.56 20.29
CA HIS B 95 19.43 7.85 19.08
C HIS B 95 18.75 7.70 17.73
N ASN B 96 17.85 6.73 17.62
CA ASN B 96 17.18 6.51 16.34
C ASN B 96 15.83 7.19 16.16
N CYS B 97 15.63 7.69 14.96
CA CYS B 97 14.38 8.36 14.60
C CYS B 97 13.76 7.61 13.44
N LEU B 98 12.44 7.59 13.40
CA LEU B 98 11.71 6.94 12.30
C LEU B 98 10.96 8.08 11.61
N GLU B 99 11.14 8.22 10.30
CA GLU B 99 10.47 9.30 9.60
C GLU B 99 9.74 8.74 8.38
N VAL B 100 8.56 9.26 8.10
CA VAL B 100 7.79 8.83 6.94
C VAL B 100 7.38 10.04 6.10
N ILE B 101 8.06 10.22 4.96
CA ILE B 101 7.77 11.34 4.06
C ILE B 101 6.62 11.02 3.09
N VAL B 102 5.73 11.98 2.89
CA VAL B 102 4.59 11.77 1.99
C VAL B 102 4.81 12.60 0.73
N VAL B 103 4.84 11.95 -0.42
CA VAL B 103 5.09 12.64 -1.68
C VAL B 103 3.97 12.55 -2.70
N LYS B 104 3.85 13.57 -3.54
CA LYS B 104 2.83 13.63 -4.57
C LYS B 104 3.40 14.33 -5.79
N GLY B 105 3.31 13.68 -6.95
CA GLY B 105 3.84 14.28 -8.16
C GLY B 105 4.14 13.27 -9.24
N GLU B 106 4.97 13.65 -10.21
CA GLU B 106 5.32 12.74 -11.29
C GLU B 106 6.16 11.56 -10.78
N ALA B 107 5.71 10.36 -11.12
CA ALA B 107 6.38 9.13 -10.67
C ALA B 107 7.91 9.15 -10.77
N LYS B 108 8.43 9.56 -11.91
CA LYS B 108 9.88 9.60 -12.10
C LYS B 108 10.54 10.47 -11.05
N LYS B 109 9.99 11.67 -10.87
CA LYS B 109 10.49 12.62 -9.90
C LYS B 109 10.52 11.93 -8.53
N ILE B 110 9.37 11.47 -8.06
CA ILE B 110 9.30 10.80 -6.76
C ILE B 110 10.33 9.67 -6.61
N LYS B 111 10.56 8.88 -7.66
CA LYS B 111 11.56 7.80 -7.56
C LYS B 111 12.93 8.39 -7.33
N MET B 112 13.22 9.53 -7.95
CA MET B 112 14.51 10.18 -7.79
C MET B 112 14.72 10.64 -6.37
N ILE B 113 13.66 11.14 -5.76
CA ILE B 113 13.72 11.60 -4.39
C ILE B 113 14.05 10.42 -3.47
N ALA B 114 13.26 9.35 -3.59
CA ALA B 114 13.47 8.16 -2.78
C ALA B 114 14.89 7.64 -2.95
N ASP B 115 15.41 7.75 -4.16
CA ASP B 115 16.76 7.28 -4.44
C ASP B 115 17.77 8.12 -3.69
N LYS B 116 17.61 9.42 -3.77
CA LYS B 116 18.55 10.30 -3.11
C LYS B 116 18.52 10.15 -1.60
N LEU B 117 17.34 9.87 -1.05
CA LEU B 117 17.20 9.73 0.39
C LEU B 117 17.71 8.41 0.90
N LEU B 118 17.19 7.32 0.34
CA LEU B 118 17.57 5.98 0.77
C LEU B 118 19.04 5.65 0.61
N SER B 119 19.72 6.31 -0.34
CA SER B 119 21.14 6.04 -0.59
C SER B 119 22.04 6.81 0.35
N LEU B 120 21.45 7.69 1.15
CA LEU B 120 22.22 8.48 2.11
C LEU B 120 22.90 7.53 3.08
N LYS B 121 24.21 7.69 3.24
CA LYS B 121 24.99 6.85 4.14
C LYS B 121 24.31 6.62 5.49
N GLY B 122 23.79 7.69 6.07
CA GLY B 122 23.15 7.61 7.38
C GLY B 122 21.81 6.91 7.51
N VAL B 123 21.13 6.66 6.40
CA VAL B 123 19.82 5.99 6.43
C VAL B 123 20.00 4.48 6.53
N LYS B 124 19.69 3.92 7.69
CA LYS B 124 19.82 2.50 7.95
C LYS B 124 18.78 1.65 7.25
N HIS B 125 17.54 2.12 7.23
CA HIS B 125 16.46 1.37 6.61
C HIS B 125 15.54 2.30 5.88
N GLY B 126 14.83 1.78 4.90
CA GLY B 126 13.93 2.65 4.16
C GLY B 126 13.30 2.02 2.95
N LYS B 127 12.02 2.29 2.76
CA LYS B 127 11.31 1.75 1.63
C LYS B 127 10.42 2.84 1.05
N LEU B 128 10.25 2.82 -0.27
CA LEU B 128 9.36 3.76 -0.94
C LEU B 128 8.11 2.94 -1.24
N VAL B 129 6.95 3.47 -0.89
CA VAL B 129 5.71 2.78 -1.15
C VAL B 129 5.01 3.55 -2.26
N MET B 130 4.83 2.91 -3.41
CA MET B 130 4.14 3.53 -4.54
C MET B 130 2.66 3.24 -4.39
N THR B 131 1.88 4.28 -4.15
CA THR B 131 0.46 4.11 -4.01
C THR B 131 -0.24 5.03 -4.99
N SER B 132 -1.48 5.44 -4.71
CA SER B 132 -2.21 6.29 -5.64
C SER B 132 -2.70 7.57 -5.00
N THR B 133 -3.34 8.42 -5.80
CA THR B 133 -3.89 9.69 -5.32
C THR B 133 -5.41 9.56 -5.33
N GLY B 134 -5.88 8.36 -5.66
CA GLY B 134 -7.31 8.09 -5.70
C GLY B 134 -8.04 8.62 -6.93
N LYS B 135 -7.67 9.80 -7.39
CA LYS B 135 -8.31 10.44 -8.53
C LYS B 135 -8.85 9.51 -9.64
N GLU B 136 -8.18 8.39 -9.88
CA GLU B 136 -8.63 7.50 -10.93
C GLU B 136 -8.99 6.09 -10.49
N LEU B 137 -9.24 5.91 -9.19
CA LEU B 137 -9.59 4.58 -8.67
C LEU B 137 -11.06 4.49 -8.29
N VAL B 138 -11.46 3.29 -7.88
CA VAL B 138 -12.82 3.01 -7.43
C VAL B 138 -12.83 1.66 -6.69
NI NI C . -9.07 13.42 3.98
NI NI D . -10.12 -3.17 0.45
P PO4 E . -21.02 -17.81 -10.56
O1 PO4 E . -20.43 -18.40 -9.33
O2 PO4 E . -20.10 -18.00 -11.70
O3 PO4 E . -22.32 -18.46 -10.85
O4 PO4 E . -21.24 -16.36 -10.34
O1 PG4 F . -8.48 -6.39 -28.31
C1 PG4 F . -8.76 -7.80 -28.22
C2 PG4 F . -7.44 -8.61 -28.20
O2 PG4 F . -6.81 -8.53 -26.90
C3 PG4 F . -6.85 -9.83 -26.23
C4 PG4 F . -6.55 -9.67 -24.72
O3 PG4 F . -7.61 -8.92 -24.06
C5 PG4 F . -8.20 -9.72 -23.00
C6 PG4 F . -9.20 -8.89 -22.17
O4 PG4 F . -10.43 -8.69 -22.91
C7 PG4 F . -11.49 -9.54 -22.38
C8 PG4 F . -12.63 -9.68 -23.42
O5 PG4 F . -13.10 -11.07 -23.47
NI NI G . 13.81 11.87 16.43
NI NI H . 20.86 13.31 20.17
NI NI I . 19.37 23.70 3.94
P PO4 J . -14.35 -2.00 -2.88
O1 PO4 J . -13.27 -1.75 -1.89
O2 PO4 J . -13.83 -2.87 -3.97
O3 PO4 J . -15.49 -2.68 -2.23
O4 PO4 J . -14.81 -0.71 -3.46
#